data_3UFB
#
_entry.id   3UFB
#
_cell.length_a   78.899
_cell.length_b   78.899
_cell.length_c   165.802
_cell.angle_alpha   90.00
_cell.angle_beta   90.00
_cell.angle_gamma   90.00
#
_symmetry.space_group_name_H-M   'P 41 21 2'
#
loop_
_entity.id
_entity.type
_entity.pdbx_description
1 polymer 'Type I restriction-modification system methyltransferase subunit'
2 water water
#
_entity_poly.entity_id   1
_entity_poly.type   'polypeptide(L)'
_entity_poly.pdbx_seq_one_letter_code
;MTIRFMARTKKADQPMTTAQQLGAIVKSSRQIMRKDKGLNGDLDRLPMLTWIMFLKFLDDLEQMRETEAVLEGKSFQPAI
EAPYRWRDWAAIEGGITGDELIAFINNDEAMRPDGTRGIGLFAYLRSLQGDNGGDRRDVIATVFKGMQNRMINGYLLRDV
VDKINGIHFNSSEEMHTLSRLYETMLREMRDAAGDSGEFYTPRPVVRFMVEVMDPQLGESVLDPACGTGGFLVEAFEHLE
RQCKTVEDREVLQESSIFGGEAKSLPYLLVQMNLLLHGLEYPRIDPENSLRFPLREMGDKDRVDVILTNPPFGGEEEKGI
LGNFPEDMQTAETAMLFLQLIMRKLKRPGHGSDNGGRAAVVVPNGTLFSDGISARIKEELLKNFNLHTIVRLPEGVFAPY
TDIAGNLLFFDRSGPTDDIWYYQITVPEGRKKYTKTKPMESHEFDECLNWWSNRIVNQNAWKESASEIIKYSESGQLIDV
NLDRKNPNSLEVLEHEEPMDLIEKITTKEESLLAILEQIKAEISTQGISK
;
_entity_poly.pdbx_strand_id   A
#
# COMPACT_ATOMS: atom_id res chain seq x y z
N ALA A 12 -32.74 0.50 16.44
CA ALA A 12 -31.92 -0.27 15.52
C ALA A 12 -31.46 0.58 14.33
N ASP A 13 -30.17 0.53 14.05
CA ASP A 13 -29.59 1.29 12.95
C ASP A 13 -29.78 0.58 11.60
N GLN A 14 -29.95 1.38 10.56
CA GLN A 14 -30.02 0.84 9.20
C GLN A 14 -28.76 0.05 8.87
N PRO A 15 -28.95 -1.09 8.20
CA PRO A 15 -27.85 -1.96 7.77
C PRO A 15 -26.90 -1.22 6.85
N MET A 16 -25.66 -1.68 6.80
CA MET A 16 -24.70 -1.07 5.91
C MET A 16 -25.11 -1.31 4.46
N THR A 17 -24.72 -0.38 3.62
CA THR A 17 -24.75 -0.56 2.18
C THR A 17 -24.18 -1.92 1.82
N THR A 18 -24.91 -2.68 1.01
CA THR A 18 -24.42 -3.97 0.55
C THR A 18 -23.49 -3.83 -0.62
N ALA A 19 -22.78 -4.90 -0.94
CA ALA A 19 -21.83 -4.89 -2.04
C ALA A 19 -22.57 -4.59 -3.33
N GLN A 20 -23.75 -5.19 -3.51
CA GLN A 20 -24.55 -4.92 -4.70
C GLN A 20 -24.93 -3.44 -4.79
N GLN A 21 -25.35 -2.87 -3.66
CA GLN A 21 -25.74 -1.47 -3.59
C GLN A 21 -24.59 -0.49 -3.85
N LEU A 22 -23.40 -0.84 -3.37
CA LEU A 22 -22.23 0.01 -3.64
C LEU A 22 -21.95 0.00 -5.13
N GLY A 23 -22.02 -1.18 -5.75
CA GLY A 23 -21.85 -1.29 -7.18
C GLY A 23 -22.86 -0.43 -7.91
N ALA A 24 -24.12 -0.49 -7.50
CA ALA A 24 -25.17 0.30 -8.15
C ALA A 24 -24.87 1.79 -8.07
N ILE A 25 -24.39 2.24 -6.93
CA ILE A 25 -24.10 3.65 -6.72
C ILE A 25 -22.95 4.08 -7.60
N VAL A 26 -21.93 3.22 -7.70
CA VAL A 26 -20.76 3.54 -8.49
C VAL A 26 -21.08 3.57 -9.99
N LYS A 27 -21.81 2.56 -10.45
CA LYS A 27 -22.20 2.50 -11.85
C LYS A 27 -23.17 3.63 -12.24
N SER A 28 -24.16 3.89 -11.40
CA SER A 28 -25.13 4.92 -11.73
C SER A 28 -24.48 6.30 -11.70
N SER A 29 -23.52 6.50 -10.80
CA SER A 29 -22.78 7.77 -10.74
C SER A 29 -21.94 7.99 -12.00
N ARG A 30 -21.30 6.92 -12.47
CA ARG A 30 -20.47 7.00 -13.67
C ARG A 30 -21.32 7.31 -14.87
N GLN A 31 -22.53 6.74 -14.91
CA GLN A 31 -23.44 6.98 -16.02
C GLN A 31 -23.96 8.44 -16.01
N ILE A 32 -24.22 8.99 -14.83
CA ILE A 32 -24.47 10.44 -14.75
C ILE A 32 -23.26 11.22 -15.28
N MET A 33 -22.06 10.82 -14.89
CA MET A 33 -20.85 11.50 -15.37
C MET A 33 -20.67 11.47 -16.91
N ARG A 34 -21.21 10.46 -17.57
CA ARG A 34 -21.10 10.40 -19.03
C ARG A 34 -21.78 11.60 -19.72
N LYS A 35 -22.71 12.25 -19.02
CA LYS A 35 -23.38 13.44 -19.57
C LYS A 35 -22.59 14.73 -19.34
N ASP A 36 -21.58 14.69 -18.51
CA ASP A 36 -20.83 15.92 -18.23
C ASP A 36 -19.68 16.13 -19.20
N LYS A 37 -19.75 17.22 -19.94
CA LYS A 37 -18.78 17.52 -20.98
C LYS A 37 -17.39 17.79 -20.41
N GLY A 38 -17.29 17.97 -19.10
CA GLY A 38 -16.00 18.23 -18.49
C GLY A 38 -15.17 16.97 -18.24
N LEU A 39 -15.77 15.80 -18.43
CA LEU A 39 -15.11 14.55 -18.06
C LEU A 39 -14.89 13.65 -19.26
N ASN A 40 -13.67 13.14 -19.40
CA ASN A 40 -13.30 12.30 -20.51
C ASN A 40 -12.91 10.90 -20.04
N GLY A 41 -13.85 9.95 -20.06
CA GLY A 41 -13.54 8.56 -19.74
C GLY A 41 -13.25 8.32 -18.27
N ASP A 42 -12.91 7.08 -17.92
CA ASP A 42 -12.61 6.77 -16.53
C ASP A 42 -11.36 7.52 -16.02
N LEU A 43 -10.48 7.89 -16.94
CA LEU A 43 -9.33 8.73 -16.59
C LEU A 43 -9.80 9.88 -15.71
N ASP A 44 -10.93 10.47 -16.09
CA ASP A 44 -11.50 11.59 -15.34
C ASP A 44 -12.54 11.14 -14.31
N ARG A 45 -13.32 10.12 -14.64
CA ARG A 45 -14.46 9.76 -13.77
C ARG A 45 -14.03 9.15 -12.45
N LEU A 46 -12.98 8.33 -12.49
CA LEU A 46 -12.56 7.64 -11.28
C LEU A 46 -11.97 8.58 -10.20
N PRO A 47 -11.10 9.54 -10.59
CA PRO A 47 -10.68 10.48 -9.55
C PRO A 47 -11.85 11.30 -9.03
N MET A 48 -12.79 11.67 -9.90
CA MET A 48 -14.00 12.40 -9.46
C MET A 48 -14.75 11.61 -8.39
N LEU A 49 -15.05 10.34 -8.70
CA LEU A 49 -15.82 9.52 -7.77
C LEU A 49 -15.07 9.43 -6.47
N THR A 50 -13.75 9.36 -6.56
CA THR A 50 -12.90 9.12 -5.42
C THR A 50 -12.87 10.26 -4.41
N TRP A 51 -12.68 11.49 -4.86
CA TRP A 51 -12.69 12.61 -3.91
C TRP A 51 -14.06 12.82 -3.26
N ILE A 52 -15.12 12.61 -4.05
CA ILE A 52 -16.48 12.72 -3.52
C ILE A 52 -16.72 11.63 -2.47
N MET A 53 -16.46 10.39 -2.84
CA MET A 53 -16.59 9.28 -1.90
C MET A 53 -15.78 9.54 -0.63
N PHE A 54 -14.56 10.05 -0.79
CA PHE A 54 -13.71 10.32 0.38
C PHE A 54 -14.33 11.33 1.35
N LEU A 55 -14.87 12.44 0.84
CA LEU A 55 -15.44 13.46 1.73
C LEU A 55 -16.66 12.90 2.47
N LYS A 56 -17.40 12.03 1.78
CA LYS A 56 -18.54 11.35 2.40
C LYS A 56 -18.07 10.38 3.51
N PHE A 57 -17.15 9.47 3.18
CA PHE A 57 -16.65 8.53 4.18
C PHE A 57 -16.04 9.30 5.37
N LEU A 58 -15.21 10.30 5.07
CA LEU A 58 -14.50 11.02 6.11
C LEU A 58 -15.48 11.67 7.09
N ASP A 59 -16.55 12.26 6.59
CA ASP A 59 -17.45 12.98 7.49
C ASP A 59 -18.23 11.99 8.37
N ASP A 60 -18.63 10.87 7.80
CA ASP A 60 -19.34 9.85 8.57
C ASP A 60 -18.41 9.27 9.65
N LEU A 61 -17.14 9.07 9.28
CA LEU A 61 -16.13 8.70 10.28
C LEU A 61 -15.98 9.76 11.38
N GLU A 62 -15.90 11.02 10.98
CA GLU A 62 -15.80 12.12 11.93
C GLU A 62 -16.99 12.14 12.89
N GLN A 63 -18.18 11.83 12.39
CA GLN A 63 -19.35 11.70 13.25
C GLN A 63 -19.13 10.63 14.32
N MET A 64 -18.60 9.49 13.90
CA MET A 64 -18.36 8.39 14.84
C MET A 64 -17.31 8.78 15.86
N ARG A 65 -16.29 9.52 15.41
CA ARG A 65 -15.21 9.93 16.30
C ARG A 65 -15.71 10.97 17.30
N GLU A 66 -16.56 11.88 16.85
CA GLU A 66 -17.12 12.89 17.74
C GLU A 66 -17.93 12.22 18.84
N THR A 67 -18.76 11.27 18.43
CA THR A 67 -19.60 10.49 19.33
C THR A 67 -18.77 9.74 20.35
N GLU A 68 -17.73 9.05 19.87
CA GLU A 68 -16.79 8.37 20.74
C GLU A 68 -16.18 9.32 21.76
N ALA A 69 -15.64 10.45 21.30
CA ALA A 69 -15.04 11.43 22.21
C ALA A 69 -16.02 11.92 23.29
N VAL A 70 -17.28 12.11 22.92
CA VAL A 70 -18.28 12.52 23.90
C VAL A 70 -18.42 11.43 24.95
N LEU A 71 -18.51 10.19 24.50
CA LEU A 71 -18.61 9.05 25.42
C LEU A 71 -17.40 8.92 26.34
N GLU A 72 -16.21 9.23 25.83
CA GLU A 72 -14.99 9.11 26.63
C GLU A 72 -14.66 10.38 27.40
N GLY A 73 -15.52 11.38 27.32
CA GLY A 73 -15.26 12.64 28.00
C GLY A 73 -13.98 13.30 27.51
N LYS A 74 -13.63 13.02 26.26
CA LYS A 74 -12.44 13.59 25.64
C LYS A 74 -12.79 14.66 24.61
N SER A 75 -11.91 15.65 24.47
CA SER A 75 -12.09 16.72 23.50
C SER A 75 -12.04 16.14 22.08
N PHE A 76 -12.80 16.75 21.16
CA PHE A 76 -12.76 16.36 19.75
C PHE A 76 -12.35 17.53 18.86
N GLN A 77 -11.40 17.29 17.96
CA GLN A 77 -11.01 18.30 17.00
C GLN A 77 -11.33 17.84 15.59
N PRO A 78 -12.33 18.47 14.96
CA PRO A 78 -12.71 18.13 13.58
C PRO A 78 -11.54 18.37 12.63
N ALA A 79 -11.39 17.51 11.64
CA ALA A 79 -10.41 17.73 10.58
C ALA A 79 -10.96 18.82 9.67
N ILE A 80 -12.24 18.68 9.32
CA ILE A 80 -12.94 19.66 8.48
C ILE A 80 -14.04 20.38 9.28
N GLU A 81 -14.08 21.70 9.18
CA GLU A 81 -15.05 22.49 9.93
C GLU A 81 -16.24 22.93 9.08
N ALA A 82 -17.38 23.13 9.73
CA ALA A 82 -18.55 23.67 9.04
C ALA A 82 -18.13 25.00 8.42
N PRO A 83 -18.72 25.36 7.28
CA PRO A 83 -19.71 24.61 6.51
C PRO A 83 -19.09 23.80 5.39
N TYR A 84 -17.92 23.20 5.62
CA TYR A 84 -17.25 22.46 4.56
C TYR A 84 -17.38 20.94 4.71
N ARG A 85 -18.11 20.48 5.72
CA ARG A 85 -18.27 19.03 5.91
C ARG A 85 -19.36 18.48 4.97
N TRP A 86 -19.25 17.20 4.63
CA TRP A 86 -20.28 16.56 3.83
C TRP A 86 -21.69 16.87 4.34
N ARG A 87 -21.89 16.79 5.66
CA ARG A 87 -23.23 17.02 6.23
C ARG A 87 -23.73 18.45 5.98
N ASP A 88 -22.81 19.38 5.77
CA ASP A 88 -23.16 20.78 5.49
C ASP A 88 -23.50 21.05 4.03
N TRP A 89 -22.71 20.51 3.11
CA TRP A 89 -22.82 20.96 1.72
C TRP A 89 -23.46 19.93 0.79
N ALA A 90 -23.39 18.66 1.16
CA ALA A 90 -23.78 17.57 0.26
C ALA A 90 -25.01 16.82 0.71
N ALA A 91 -25.21 16.76 2.01
CA ALA A 91 -26.20 15.83 2.56
C ALA A 91 -27.62 16.42 2.59
N ILE A 92 -27.77 17.66 2.16
CA ILE A 92 -29.06 18.33 2.25
C ILE A 92 -29.86 18.10 0.98
N GLU A 93 -31.06 17.52 1.08
CA GLU A 93 -31.85 17.25 -0.11
C GLU A 93 -32.17 18.56 -0.81
N GLY A 94 -32.01 18.58 -2.13
CA GLY A 94 -32.22 19.80 -2.90
C GLY A 94 -31.34 20.95 -2.48
N GLY A 95 -30.10 20.65 -2.06
CA GLY A 95 -29.16 21.67 -1.60
C GLY A 95 -28.49 22.42 -2.73
N ILE A 96 -27.33 23.01 -2.46
CA ILE A 96 -26.62 23.85 -3.44
C ILE A 96 -26.38 23.06 -4.75
N THR A 97 -26.62 23.68 -5.90
CA THR A 97 -26.56 22.95 -7.16
C THR A 97 -26.20 23.88 -8.32
N GLY A 98 -26.19 23.36 -9.54
CA GLY A 98 -25.91 24.18 -10.71
C GLY A 98 -24.66 25.03 -10.61
N ASP A 99 -24.66 26.21 -11.23
CA ASP A 99 -23.49 27.08 -11.21
C ASP A 99 -23.01 27.42 -9.78
N GLU A 100 -23.96 27.62 -8.87
CA GLU A 100 -23.63 27.90 -7.48
C GLU A 100 -22.79 26.77 -6.90
N LEU A 101 -23.12 25.54 -7.23
CA LEU A 101 -22.35 24.40 -6.71
C LEU A 101 -20.95 24.40 -7.32
N ILE A 102 -20.85 24.51 -8.64
CA ILE A 102 -19.53 24.52 -9.27
C ILE A 102 -18.65 25.62 -8.68
N ALA A 103 -19.23 26.80 -8.46
CA ALA A 103 -18.50 27.91 -7.85
C ALA A 103 -18.00 27.58 -6.45
N PHE A 104 -18.86 26.99 -5.63
CA PHE A 104 -18.47 26.64 -4.26
C PHE A 104 -17.30 25.65 -4.28
N ILE A 105 -17.33 24.71 -5.21
CA ILE A 105 -16.28 23.70 -5.36
C ILE A 105 -14.97 24.30 -5.87
N ASN A 106 -15.06 25.05 -6.97
CA ASN A 106 -13.87 25.46 -7.72
C ASN A 106 -13.22 26.78 -7.27
N ASN A 107 -14.02 27.72 -6.80
CA ASN A 107 -13.55 29.10 -6.59
C ASN A 107 -12.64 29.29 -5.37
N ASP A 108 -11.72 30.25 -5.48
CA ASP A 108 -11.02 30.72 -4.29
C ASP A 108 -12.03 31.33 -3.33
N GLU A 109 -13.02 32.04 -3.86
CA GLU A 109 -14.10 32.62 -3.03
C GLU A 109 -15.47 32.42 -3.68
N ALA A 110 -16.46 32.08 -2.86
CA ALA A 110 -17.80 31.79 -3.35
C ALA A 110 -18.86 31.92 -2.26
N MET A 111 -20.11 31.97 -2.69
CA MET A 111 -21.24 31.84 -1.80
C MET A 111 -21.22 30.41 -1.28
N ARG A 112 -21.28 30.25 0.03
CA ARG A 112 -21.22 28.93 0.62
C ARG A 112 -22.60 28.39 0.97
N PRO A 113 -22.68 27.10 1.31
CA PRO A 113 -24.00 26.50 1.56
C PRO A 113 -24.79 27.17 2.69
N ASP A 114 -24.13 27.94 3.55
CA ASP A 114 -24.82 28.55 4.68
C ASP A 114 -25.25 29.99 4.40
N GLY A 115 -25.18 30.40 3.13
CA GLY A 115 -25.58 31.73 2.72
C GLY A 115 -24.55 32.82 2.97
N THR A 116 -23.34 32.43 3.35
CA THR A 116 -22.28 33.41 3.58
C THR A 116 -21.17 33.22 2.56
N ARG A 117 -20.49 34.29 2.21
CA ARG A 117 -19.34 34.16 1.30
C ARG A 117 -18.09 33.73 2.06
N GLY A 118 -17.24 32.93 1.41
CA GLY A 118 -16.02 32.48 2.04
C GLY A 118 -15.19 31.69 1.05
N ILE A 119 -14.11 31.08 1.51
CA ILE A 119 -13.28 30.34 0.59
C ILE A 119 -14.01 29.09 0.06
N GLY A 120 -13.68 28.70 -1.17
CA GLY A 120 -14.34 27.57 -1.79
C GLY A 120 -13.86 26.26 -1.20
N LEU A 121 -14.53 25.17 -1.52
CA LEU A 121 -14.26 23.86 -0.91
C LEU A 121 -12.86 23.32 -1.18
N PHE A 122 -12.47 23.23 -2.44
CA PHE A 122 -11.11 22.78 -2.74
C PHE A 122 -10.07 23.73 -2.16
N ALA A 123 -10.32 25.03 -2.24
CA ALA A 123 -9.37 25.99 -1.71
C ALA A 123 -9.23 25.80 -0.20
N TYR A 124 -10.35 25.57 0.48
CA TYR A 124 -10.33 25.34 1.92
C TYR A 124 -9.53 24.08 2.26
N LEU A 125 -9.85 22.98 1.59
CA LEU A 125 -9.20 21.70 1.86
C LEU A 125 -7.70 21.79 1.62
N ARG A 126 -7.34 22.48 0.53
CA ARG A 126 -5.93 22.65 0.21
C ARG A 126 -5.18 23.56 1.18
N SER A 127 -5.89 24.36 1.97
CA SER A 127 -5.18 25.22 2.90
C SER A 127 -5.24 24.75 4.34
N LEU A 128 -5.77 23.57 4.56
CA LEU A 128 -5.81 22.96 5.89
C LEU A 128 -4.39 22.71 6.39
N GLN A 129 -4.22 22.83 7.70
CA GLN A 129 -2.91 22.55 8.26
C GLN A 129 -3.02 22.12 9.71
N GLY A 130 -2.14 21.20 10.10
CA GLY A 130 -2.15 20.67 11.44
C GLY A 130 -1.58 21.65 12.44
N ASP A 131 -2.01 21.50 13.69
CA ASP A 131 -1.54 22.30 14.80
C ASP A 131 -0.08 21.95 15.15
N ASN A 132 0.09 20.73 15.64
CA ASN A 132 1.29 20.31 16.35
C ASN A 132 2.47 19.87 15.50
N GLY A 133 2.51 20.29 14.24
CA GLY A 133 3.64 19.92 13.39
C GLY A 133 3.34 18.84 12.38
N GLY A 134 2.08 18.72 11.99
CA GLY A 134 1.67 17.75 11.00
C GLY A 134 0.69 16.71 11.52
N ASP A 135 -0.55 16.80 11.07
CA ASP A 135 -1.55 15.79 11.41
C ASP A 135 -2.45 15.50 10.22
N ARG A 136 -3.58 14.87 10.47
CA ARG A 136 -4.45 14.44 9.39
C ARG A 136 -4.86 15.62 8.49
N ARG A 137 -4.94 16.82 9.05
CA ARG A 137 -5.34 17.97 8.23
C ARG A 137 -4.31 18.29 7.16
N ASP A 138 -3.04 18.11 7.47
CA ASP A 138 -2.02 18.36 6.46
C ASP A 138 -2.06 17.32 5.34
N VAL A 139 -2.42 16.09 5.70
CA VAL A 139 -2.54 15.04 4.69
C VAL A 139 -3.77 15.26 3.79
N ILE A 140 -4.89 15.63 4.40
CA ILE A 140 -6.06 16.02 3.61
C ILE A 140 -5.70 17.13 2.60
N ALA A 141 -4.94 18.12 3.04
CA ALA A 141 -4.51 19.20 2.15
C ALA A 141 -3.65 18.70 1.00
N THR A 142 -2.72 17.79 1.30
CA THR A 142 -1.87 17.23 0.26
C THR A 142 -2.71 16.44 -0.74
N VAL A 143 -3.69 15.72 -0.24
CA VAL A 143 -4.56 14.95 -1.13
C VAL A 143 -5.28 15.90 -2.09
N PHE A 144 -5.88 16.96 -1.55
CA PHE A 144 -6.67 17.83 -2.40
C PHE A 144 -5.85 18.77 -3.28
N LYS A 145 -4.60 19.02 -2.90
CA LYS A 145 -3.68 19.72 -3.80
C LYS A 145 -3.38 18.86 -5.02
N GLY A 146 -3.59 17.55 -4.92
CA GLY A 146 -3.33 16.62 -6.01
C GLY A 146 -4.58 16.18 -6.78
N MET A 147 -5.68 16.87 -6.56
CA MET A 147 -6.92 16.54 -7.23
C MET A 147 -7.60 17.82 -7.68
N GLN A 148 -8.55 17.71 -8.59
CA GLN A 148 -9.30 18.87 -9.00
C GLN A 148 -10.66 18.46 -9.53
N ASN A 149 -11.63 19.36 -9.39
CA ASN A 149 -12.95 19.03 -9.91
C ASN A 149 -12.98 19.34 -11.39
N ARG A 150 -13.27 18.32 -12.19
CA ARG A 150 -13.34 18.50 -13.64
C ARG A 150 -14.77 18.56 -14.19
N MET A 151 -15.76 18.34 -13.34
CA MET A 151 -17.14 18.47 -13.80
C MET A 151 -17.52 19.92 -14.02
N ILE A 152 -18.23 20.13 -15.13
CA ILE A 152 -18.62 21.46 -15.58
C ILE A 152 -20.05 21.81 -15.20
N ASN A 153 -20.88 20.78 -15.04
CA ASN A 153 -22.30 20.97 -14.82
C ASN A 153 -22.68 20.66 -13.38
N GLY A 154 -23.17 21.66 -12.66
CA GLY A 154 -23.39 21.50 -11.23
C GLY A 154 -24.60 20.64 -10.90
N TYR A 155 -25.60 20.64 -11.78
CA TYR A 155 -26.76 19.76 -11.60
C TYR A 155 -26.34 18.31 -11.67
N LEU A 156 -25.42 18.00 -12.57
CA LEU A 156 -24.89 16.64 -12.69
C LEU A 156 -24.04 16.30 -11.47
N LEU A 157 -23.22 17.24 -11.00
CA LEU A 157 -22.43 17.00 -9.78
C LEU A 157 -23.32 16.71 -8.59
N ARG A 158 -24.33 17.55 -8.42
CA ARG A 158 -25.31 17.35 -7.37
C ARG A 158 -25.96 15.96 -7.45
N ASP A 159 -26.28 15.51 -8.66
CA ASP A 159 -26.91 14.21 -8.83
C ASP A 159 -25.99 13.08 -8.38
N VAL A 160 -24.70 13.21 -8.70
CA VAL A 160 -23.72 12.23 -8.23
C VAL A 160 -23.60 12.28 -6.72
N VAL A 161 -23.54 13.48 -6.17
CA VAL A 161 -23.42 13.64 -4.72
C VAL A 161 -24.61 13.00 -4.01
N ASP A 162 -25.82 13.15 -4.57
CA ASP A 162 -27.00 12.53 -3.98
C ASP A 162 -26.92 10.98 -3.94
N LYS A 163 -26.31 10.38 -4.95
CA LYS A 163 -26.17 8.91 -4.96
C LYS A 163 -25.17 8.51 -3.86
N ILE A 164 -24.03 9.17 -3.84
CA ILE A 164 -22.97 8.82 -2.89
C ILE A 164 -23.46 9.06 -1.47
N ASN A 165 -24.30 10.06 -1.30
CA ASN A 165 -24.85 10.39 0.02
C ASN A 165 -25.63 9.23 0.64
N GLY A 166 -26.13 8.35 -0.20
CA GLY A 166 -26.91 7.22 0.29
C GLY A 166 -26.09 6.06 0.84
N ILE A 167 -24.77 6.15 0.74
CA ILE A 167 -23.91 5.13 1.31
C ILE A 167 -24.05 5.16 2.83
N HIS A 168 -23.99 4.01 3.48
CA HIS A 168 -24.13 3.99 4.93
C HIS A 168 -23.32 2.88 5.59
N PHE A 169 -22.72 3.20 6.75
CA PHE A 169 -22.04 2.20 7.56
C PHE A 169 -22.14 2.58 9.04
N ASN A 170 -22.00 1.60 9.92
CA ASN A 170 -22.24 1.81 11.35
C ASN A 170 -20.99 1.73 12.24
N SER A 171 -19.87 1.35 11.66
CA SER A 171 -18.64 1.20 12.40
C SER A 171 -17.48 1.41 11.45
N SER A 172 -16.28 1.59 12.01
CA SER A 172 -15.08 1.64 11.19
C SER A 172 -14.90 0.36 10.37
N GLU A 173 -15.16 -0.80 10.99
CA GLU A 173 -14.94 -2.05 10.29
C GLU A 173 -15.84 -2.17 9.06
N GLU A 174 -17.09 -1.72 9.20
CA GLU A 174 -18.01 -1.73 8.06
C GLU A 174 -17.52 -0.77 6.98
N MET A 175 -17.12 0.42 7.41
CA MET A 175 -16.50 1.36 6.47
C MET A 175 -15.32 0.71 5.72
N HIS A 176 -14.42 0.03 6.43
CA HIS A 176 -13.26 -0.57 5.77
C HIS A 176 -13.67 -1.61 4.74
N THR A 177 -14.72 -2.36 5.04
CA THR A 177 -15.24 -3.33 4.07
C THR A 177 -15.63 -2.65 2.76
N LEU A 178 -16.35 -1.53 2.86
CA LEU A 178 -16.78 -0.78 1.67
C LEU A 178 -15.60 -0.16 0.93
N SER A 179 -14.62 0.36 1.66
CA SER A 179 -13.40 0.88 1.06
C SER A 179 -12.69 -0.20 0.25
N ARG A 180 -12.57 -1.39 0.84
CA ARG A 180 -11.97 -2.53 0.17
C ARG A 180 -12.69 -2.84 -1.14
N LEU A 181 -14.01 -2.96 -1.06
CA LEU A 181 -14.86 -3.24 -2.21
C LEU A 181 -14.71 -2.17 -3.28
N TYR A 182 -14.61 -0.93 -2.86
CA TYR A 182 -14.52 0.17 -3.80
C TYR A 182 -13.19 0.12 -4.55
N GLU A 183 -12.12 -0.12 -3.81
CA GLU A 183 -10.81 -0.18 -4.42
C GLU A 183 -10.72 -1.32 -5.42
N THR A 184 -11.40 -2.43 -5.11
CA THR A 184 -11.46 -3.56 -6.04
C THR A 184 -12.20 -3.17 -7.33
N MET A 185 -13.34 -2.50 -7.18
CA MET A 185 -14.09 -2.00 -8.34
C MET A 185 -13.23 -1.10 -9.24
N LEU A 186 -12.52 -0.15 -8.62
CA LEU A 186 -11.63 0.75 -9.35
C LEU A 186 -10.59 -0.03 -10.15
N ARG A 187 -9.88 -0.92 -9.46
CA ARG A 187 -8.80 -1.69 -10.09
C ARG A 187 -9.34 -2.48 -11.26
N GLU A 188 -10.53 -3.03 -11.08
CA GLU A 188 -11.17 -3.83 -12.11
C GLU A 188 -11.64 -2.97 -13.27
N MET A 189 -12.34 -1.88 -12.95
CA MET A 189 -12.76 -0.90 -13.94
C MET A 189 -11.53 -0.52 -14.75
N ARG A 190 -10.44 -0.26 -14.04
CA ARG A 190 -9.14 0.06 -14.64
C ARG A 190 -8.44 -1.20 -15.15
N ASP A 191 -9.17 -2.33 -15.15
CA ASP A 191 -8.73 -3.57 -15.78
C ASP A 191 -9.81 -4.08 -16.74
N ALA A 192 -10.81 -3.25 -16.99
CA ALA A 192 -11.91 -3.65 -17.87
C ALA A 192 -11.58 -3.33 -19.32
N ALA A 193 -10.39 -3.74 -19.75
CA ALA A 193 -9.97 -3.61 -21.13
C ALA A 193 -9.72 -2.17 -21.53
N GLY A 194 -9.62 -1.29 -20.53
CA GLY A 194 -9.27 0.09 -20.77
C GLY A 194 -7.76 0.23 -20.67
N ASP A 195 -7.27 0.31 -19.43
CA ASP A 195 -5.83 0.28 -19.18
C ASP A 195 -5.40 -1.16 -18.93
N SER A 196 -4.99 -1.85 -19.99
CA SER A 196 -4.46 -3.20 -19.86
C SER A 196 -3.08 -3.14 -19.21
N GLY A 197 -3.05 -3.06 -17.89
CA GLY A 197 -1.79 -2.97 -17.17
C GLY A 197 -1.90 -2.76 -15.68
N GLU A 198 -0.89 -2.09 -15.12
CA GLU A 198 -0.68 -1.98 -13.68
C GLU A 198 -0.20 -3.33 -13.12
N PHE A 199 -0.29 -3.45 -11.79
CA PHE A 199 0.20 -4.62 -11.08
C PHE A 199 -0.27 -4.54 -9.64
N TYR A 200 -0.50 -5.70 -9.03
CA TYR A 200 -1.16 -5.74 -7.73
C TYR A 200 -0.76 -6.97 -6.94
N THR A 201 -0.33 -6.76 -5.70
CA THR A 201 -0.04 -7.88 -4.82
C THR A 201 -1.35 -8.42 -4.26
N PRO A 202 -1.64 -9.70 -4.52
CA PRO A 202 -2.91 -10.25 -4.03
C PRO A 202 -2.97 -10.26 -2.50
N ARG A 203 -4.19 -10.14 -1.98
CA ARG A 203 -4.43 -10.04 -0.55
C ARG A 203 -3.85 -11.19 0.28
N PRO A 204 -4.01 -12.44 -0.19
CA PRO A 204 -3.48 -13.54 0.62
C PRO A 204 -1.96 -13.44 0.78
N VAL A 205 -1.26 -12.92 -0.22
CA VAL A 205 0.20 -12.81 -0.15
C VAL A 205 0.59 -11.71 0.85
N VAL A 206 -0.10 -10.58 0.75
CA VAL A 206 0.05 -9.49 1.72
C VAL A 206 -0.21 -9.93 3.16
N ARG A 207 -1.33 -10.61 3.41
CA ARG A 207 -1.65 -11.01 4.79
C ARG A 207 -0.62 -11.97 5.36
N PHE A 208 -0.16 -12.90 4.54
CA PHE A 208 0.86 -13.84 4.96
C PHE A 208 2.14 -13.10 5.36
N MET A 209 2.58 -12.21 4.49
CA MET A 209 3.79 -11.45 4.76
C MET A 209 3.67 -10.61 6.04
N VAL A 210 2.54 -9.96 6.23
CA VAL A 210 2.33 -9.18 7.44
C VAL A 210 2.26 -10.08 8.66
N GLU A 211 1.60 -11.23 8.52
CA GLU A 211 1.46 -12.14 9.65
C GLU A 211 2.82 -12.64 10.15
N VAL A 212 3.67 -13.09 9.24
CA VAL A 212 4.98 -13.58 9.67
C VAL A 212 5.90 -12.44 10.15
N MET A 213 5.75 -11.24 9.57
CA MET A 213 6.55 -10.12 10.02
C MET A 213 6.09 -9.55 11.39
N ASP A 214 4.81 -9.74 11.73
CA ASP A 214 4.24 -9.33 13.03
C ASP A 214 4.70 -7.94 13.49
N PRO A 215 4.35 -6.89 12.73
CA PRO A 215 4.66 -5.53 13.18
C PRO A 215 4.09 -5.28 14.59
N GLN A 216 4.87 -4.63 15.44
CA GLN A 216 4.44 -4.35 16.82
C GLN A 216 4.24 -2.87 17.06
N LEU A 217 3.24 -2.54 17.88
CA LEU A 217 2.99 -1.15 18.27
C LEU A 217 4.26 -0.48 18.71
N GLY A 218 4.56 0.68 18.13
CA GLY A 218 5.78 1.39 18.44
C GLY A 218 6.79 1.30 17.30
N GLU A 219 6.61 0.30 16.42
CA GLU A 219 7.51 0.13 15.29
C GLU A 219 7.17 1.05 14.13
N SER A 220 8.20 1.38 13.34
CA SER A 220 8.02 2.12 12.10
C SER A 220 7.96 1.16 10.93
N VAL A 221 7.18 1.50 9.91
CA VAL A 221 6.95 0.64 8.77
C VAL A 221 7.12 1.43 7.47
N LEU A 222 7.80 0.84 6.50
CA LEU A 222 8.00 1.43 5.18
C LEU A 222 7.60 0.47 4.06
N ASP A 223 6.90 1.00 3.06
CA ASP A 223 6.75 0.31 1.78
C ASP A 223 7.09 1.30 0.68
N PRO A 224 8.29 1.16 0.07
CA PRO A 224 8.76 2.13 -0.93
C PRO A 224 8.05 2.04 -2.27
N ALA A 225 7.11 1.09 -2.41
CA ALA A 225 6.34 0.95 -3.65
C ALA A 225 4.93 0.49 -3.30
N CYS A 226 4.22 1.34 -2.57
CA CYS A 226 3.09 0.91 -1.78
C CYS A 226 1.79 0.80 -2.58
N GLY A 227 1.83 1.29 -3.82
CA GLY A 227 0.64 1.24 -4.65
C GLY A 227 -0.52 1.86 -3.91
N THR A 228 -1.66 1.18 -3.91
CA THR A 228 -2.84 1.69 -3.23
C THR A 228 -2.75 1.43 -1.74
N GLY A 229 -1.66 0.80 -1.32
CA GLY A 229 -1.29 0.77 0.09
C GLY A 229 -1.56 -0.53 0.80
N GLY A 230 -1.72 -1.61 0.04
CA GLY A 230 -2.00 -2.95 0.56
C GLY A 230 -1.22 -3.37 1.80
N PHE A 231 0.12 -3.33 1.73
CA PHE A 231 0.94 -3.70 2.88
C PHE A 231 0.77 -2.74 4.06
N LEU A 232 0.73 -1.45 3.78
CA LEU A 232 0.61 -0.45 4.85
C LEU A 232 -0.72 -0.53 5.58
N VAL A 233 -1.80 -0.75 4.84
CA VAL A 233 -3.13 -0.88 5.45
C VAL A 233 -3.25 -2.17 6.26
N GLU A 234 -2.79 -3.27 5.67
CA GLU A 234 -2.77 -4.54 6.38
C GLU A 234 -1.90 -4.44 7.65
N ALA A 235 -0.71 -3.83 7.51
CA ALA A 235 0.16 -3.59 8.69
C ALA A 235 -0.56 -2.80 9.77
N PHE A 236 -1.26 -1.75 9.35
CA PHE A 236 -1.97 -0.91 10.30
C PHE A 236 -3.08 -1.70 11.02
N GLU A 237 -3.89 -2.43 10.26
CA GLU A 237 -4.94 -3.27 10.85
C GLU A 237 -4.36 -4.30 11.82
N HIS A 238 -3.21 -4.85 11.47
CA HIS A 238 -2.49 -5.78 12.34
C HIS A 238 -2.10 -5.07 13.63
N LEU A 239 -1.58 -3.85 13.51
CA LEU A 239 -1.22 -3.07 14.68
C LEU A 239 -2.45 -2.74 15.53
N GLU A 240 -3.57 -2.45 14.87
CA GLU A 240 -4.77 -2.04 15.59
C GLU A 240 -5.31 -3.16 16.48
N ARG A 241 -5.15 -4.41 16.06
CA ARG A 241 -5.57 -5.54 16.89
C ARG A 241 -4.84 -5.65 18.22
N GLN A 242 -3.67 -5.02 18.30
CA GLN A 242 -2.87 -5.08 19.52
C GLN A 242 -3.29 -4.07 20.59
N CYS A 243 -4.10 -3.09 20.24
CA CYS A 243 -4.44 -2.03 21.18
C CYS A 243 -5.39 -2.51 22.27
N LYS A 244 -5.05 -2.22 23.52
CA LYS A 244 -5.91 -2.52 24.66
C LYS A 244 -6.20 -1.26 25.48
N THR A 245 -5.30 -0.27 25.41
CA THR A 245 -5.42 0.92 26.25
C THR A 245 -5.49 2.20 25.41
N VAL A 246 -5.84 3.31 26.07
CA VAL A 246 -5.82 4.62 25.43
C VAL A 246 -4.41 4.97 24.94
N GLU A 247 -3.41 4.61 25.72
CA GLU A 247 -2.02 4.83 25.35
C GLU A 247 -1.69 4.03 24.08
N ASP A 248 -2.09 2.77 24.03
CA ASP A 248 -1.88 1.97 22.82
C ASP A 248 -2.45 2.64 21.58
N ARG A 249 -3.64 3.23 21.73
CA ARG A 249 -4.31 3.87 20.60
C ARG A 249 -3.53 5.08 20.11
N GLU A 250 -2.98 5.85 21.03
CA GLU A 250 -2.15 7.00 20.64
C GLU A 250 -0.91 6.53 19.87
N VAL A 251 -0.27 5.48 20.36
CA VAL A 251 0.90 4.91 19.67
C VAL A 251 0.52 4.46 18.25
N LEU A 252 -0.63 3.82 18.13
CA LEU A 252 -1.11 3.35 16.84
C LEU A 252 -1.31 4.54 15.91
N GLN A 253 -2.08 5.52 16.36
CA GLN A 253 -2.45 6.63 15.48
C GLN A 253 -1.27 7.54 15.13
N GLU A 254 -0.28 7.58 16.01
CA GLU A 254 0.94 8.36 15.74
C GLU A 254 2.07 7.52 15.16
N SER A 255 1.77 6.33 14.65
CA SER A 255 2.80 5.48 14.05
C SER A 255 3.55 6.18 12.91
N SER A 256 4.85 5.92 12.82
CA SER A 256 5.65 6.42 11.72
C SER A 256 5.52 5.42 10.56
N ILE A 257 4.66 5.74 9.59
CA ILE A 257 4.34 4.84 8.48
C ILE A 257 4.68 5.56 7.19
N PHE A 258 5.58 4.97 6.42
CA PHE A 258 6.13 5.62 5.23
C PHE A 258 5.80 4.82 3.98
N GLY A 259 5.67 5.53 2.87
CA GLY A 259 5.40 4.87 1.61
C GLY A 259 5.93 5.66 0.44
N GLY A 260 6.10 5.00 -0.68
CA GLY A 260 6.41 5.70 -1.92
C GLY A 260 5.48 5.14 -2.97
N GLU A 261 4.90 6.01 -3.79
CA GLU A 261 4.04 5.55 -4.88
C GLU A 261 3.97 6.58 -5.99
N ALA A 262 4.31 6.16 -7.20
CA ALA A 262 4.50 7.07 -8.32
C ALA A 262 3.23 7.35 -9.10
N LYS A 263 2.25 6.46 -8.98
CA LYS A 263 1.01 6.60 -9.75
C LYS A 263 -0.04 7.42 -8.99
N SER A 264 -0.61 8.41 -9.66
CA SER A 264 -1.50 9.37 -9.01
C SER A 264 -2.66 8.78 -8.21
N LEU A 265 -3.54 8.02 -8.85
CA LEU A 265 -4.73 7.56 -8.14
C LEU A 265 -4.36 6.64 -6.96
N PRO A 266 -3.47 5.65 -7.20
CA PRO A 266 -3.01 4.82 -6.08
C PRO A 266 -2.37 5.62 -4.95
N TYR A 267 -1.59 6.65 -5.30
CA TYR A 267 -0.96 7.52 -4.32
C TYR A 267 -2.01 8.20 -3.43
N LEU A 268 -3.10 8.62 -4.05
CA LEU A 268 -4.17 9.27 -3.30
C LEU A 268 -4.92 8.25 -2.48
N LEU A 269 -5.18 7.10 -3.08
CA LEU A 269 -5.92 6.03 -2.40
C LEU A 269 -5.23 5.51 -1.13
N VAL A 270 -3.91 5.32 -1.17
CA VAL A 270 -3.25 4.83 0.03
C VAL A 270 -3.37 5.86 1.16
N GLN A 271 -3.20 7.13 0.82
CA GLN A 271 -3.32 8.19 1.84
C GLN A 271 -4.73 8.23 2.41
N MET A 272 -5.73 8.20 1.54
CA MET A 272 -7.11 8.22 1.99
C MET A 272 -7.43 7.05 2.93
N ASN A 273 -7.05 5.84 2.54
CA ASN A 273 -7.45 4.68 3.33
C ASN A 273 -6.79 4.70 4.70
N LEU A 274 -5.52 5.09 4.73
CA LEU A 274 -4.81 5.15 6.02
C LEU A 274 -5.42 6.23 6.91
N LEU A 275 -5.77 7.39 6.34
CA LEU A 275 -6.47 8.40 7.14
C LEU A 275 -7.78 7.85 7.69
N LEU A 276 -8.54 7.14 6.86
CA LEU A 276 -9.81 6.56 7.30
C LEU A 276 -9.62 5.49 8.38
N HIS A 277 -8.45 4.85 8.39
CA HIS A 277 -8.13 3.88 9.44
C HIS A 277 -7.73 4.57 10.76
N GLY A 278 -7.51 5.87 10.73
CA GLY A 278 -7.14 6.60 11.94
C GLY A 278 -5.66 6.92 12.10
N LEU A 279 -4.86 6.57 11.10
CA LEU A 279 -3.46 7.00 11.08
C LEU A 279 -3.41 8.51 10.90
N GLU A 280 -2.70 9.19 11.79
CA GLU A 280 -2.70 10.63 11.80
C GLU A 280 -1.95 11.20 10.60
N TYR A 281 -0.84 10.57 10.23
CA TYR A 281 0.00 11.15 9.19
C TYR A 281 0.73 10.08 8.37
N PRO A 282 0.00 9.45 7.42
CA PRO A 282 0.66 8.61 6.43
C PRO A 282 1.67 9.48 5.70
N ARG A 283 2.91 9.03 5.60
CA ARG A 283 3.94 9.81 4.93
C ARG A 283 4.29 9.19 3.58
N ILE A 284 3.53 9.55 2.54
CA ILE A 284 3.69 8.92 1.23
C ILE A 284 4.37 9.86 0.25
N ASP A 285 5.50 9.44 -0.31
CA ASP A 285 6.25 10.26 -1.25
C ASP A 285 5.77 9.95 -2.66
N PRO A 286 5.32 10.97 -3.41
CA PRO A 286 4.82 10.71 -4.76
C PRO A 286 5.93 10.63 -5.83
N GLU A 287 7.17 10.92 -5.46
CA GLU A 287 8.26 10.88 -6.44
C GLU A 287 9.09 9.58 -6.41
N ASN A 288 9.99 9.46 -7.38
CA ASN A 288 10.82 8.26 -7.53
C ASN A 288 11.54 7.91 -6.22
N SER A 289 11.20 6.76 -5.66
CA SER A 289 11.82 6.34 -4.39
C SER A 289 13.32 6.12 -4.48
N LEU A 290 13.82 5.96 -5.70
CA LEU A 290 15.24 5.67 -5.94
C LEU A 290 16.07 6.93 -6.16
N ARG A 291 15.48 8.11 -5.95
CA ARG A 291 16.14 9.36 -6.35
C ARG A 291 17.14 9.94 -5.36
N PHE A 292 17.26 9.33 -4.19
CA PHE A 292 18.15 9.85 -3.14
C PHE A 292 19.43 9.03 -3.02
N PRO A 293 20.56 9.70 -2.73
CA PRO A 293 21.85 9.02 -2.55
C PRO A 293 21.82 8.12 -1.32
N LEU A 294 22.00 6.82 -1.53
CA LEU A 294 21.99 5.89 -0.41
C LEU A 294 23.05 6.27 0.60
N ARG A 295 24.17 6.80 0.11
CA ARG A 295 25.31 7.08 0.97
C ARG A 295 25.02 8.22 1.96
N GLU A 296 24.01 9.03 1.65
CA GLU A 296 23.64 10.10 2.56
C GLU A 296 22.66 9.61 3.62
N MET A 297 22.22 8.36 3.49
CA MET A 297 21.23 7.79 4.41
C MET A 297 21.88 7.22 5.65
N GLY A 298 21.25 7.43 6.80
CA GLY A 298 21.83 7.02 8.06
C GLY A 298 20.77 6.53 9.02
N ASP A 299 21.15 6.37 10.27
CA ASP A 299 20.22 5.86 11.28
C ASP A 299 18.92 6.69 11.41
N LYS A 300 19.02 8.00 11.22
CA LYS A 300 17.84 8.85 11.31
C LYS A 300 16.81 8.52 10.24
N ASP A 301 17.24 7.79 9.21
CA ASP A 301 16.39 7.49 8.06
C ASP A 301 15.80 6.08 8.13
N ARG A 302 16.27 5.27 9.07
CA ARG A 302 15.96 3.83 9.04
C ARG A 302 14.67 3.44 9.79
N VAL A 303 14.14 2.26 9.48
CA VAL A 303 12.86 1.80 10.01
C VAL A 303 12.95 0.39 10.57
N ASP A 304 11.99 0.00 11.39
CA ASP A 304 11.96 -1.35 11.94
C ASP A 304 11.48 -2.40 10.96
N VAL A 305 10.52 -2.03 10.11
CA VAL A 305 9.84 -3.00 9.27
C VAL A 305 9.65 -2.53 7.84
N ILE A 306 10.04 -3.37 6.87
CA ILE A 306 9.78 -3.05 5.47
C ILE A 306 8.94 -4.16 4.83
N LEU A 307 7.81 -3.78 4.26
CA LEU A 307 6.89 -4.72 3.65
C LEU A 307 6.63 -4.23 2.25
N THR A 308 6.99 -5.01 1.23
CA THR A 308 6.93 -4.45 -0.11
C THR A 308 7.00 -5.41 -1.28
N ASN A 309 6.38 -5.01 -2.38
CA ASN A 309 6.46 -5.73 -3.64
C ASN A 309 6.94 -4.72 -4.65
N PRO A 310 8.27 -4.53 -4.73
CA PRO A 310 8.79 -3.61 -5.73
C PRO A 310 8.49 -4.16 -7.14
N PRO A 311 8.71 -3.36 -8.18
CA PRO A 311 8.48 -3.80 -9.56
C PRO A 311 9.30 -5.05 -9.89
N PHE A 312 8.73 -5.92 -10.70
CA PHE A 312 9.40 -7.14 -11.12
C PHE A 312 10.38 -6.86 -12.25
N GLY A 313 10.20 -5.73 -12.91
CA GLY A 313 11.02 -5.39 -14.06
C GLY A 313 11.09 -3.91 -14.31
N GLY A 314 11.83 -3.54 -15.35
CA GLY A 314 12.00 -2.15 -15.72
C GLY A 314 13.42 -1.70 -15.49
N GLU A 315 13.81 -0.62 -16.14
CA GLU A 315 15.13 -0.05 -15.99
C GLU A 315 15.00 1.40 -15.59
N GLU A 316 15.96 1.88 -14.80
CA GLU A 316 15.99 3.27 -14.39
C GLU A 316 16.90 4.08 -15.30
N GLU A 317 16.59 5.36 -15.43
CA GLU A 317 17.46 6.28 -16.16
C GLU A 317 18.83 6.37 -15.49
N LYS A 318 19.84 6.80 -16.24
CA LYS A 318 21.20 6.87 -15.73
C LYS A 318 21.40 7.84 -14.56
N GLY A 319 20.59 8.89 -14.49
CA GLY A 319 20.70 9.85 -13.41
C GLY A 319 20.44 9.21 -12.05
N ILE A 320 19.62 8.16 -12.05
CA ILE A 320 19.28 7.45 -10.82
C ILE A 320 20.44 6.58 -10.33
N LEU A 321 21.19 6.01 -11.26
CA LEU A 321 22.28 5.08 -10.89
C LEU A 321 23.33 5.71 -9.99
N GLY A 322 23.59 7.00 -10.18
CA GLY A 322 24.61 7.66 -9.41
C GLY A 322 24.34 7.66 -7.91
N ASN A 323 23.13 7.28 -7.52
CA ASN A 323 22.74 7.26 -6.12
C ASN A 323 23.20 6.00 -5.38
N PHE A 324 23.77 5.08 -6.13
CA PHE A 324 24.11 3.77 -5.61
C PHE A 324 25.62 3.53 -5.68
N PRO A 325 26.11 2.56 -4.88
CA PRO A 325 27.54 2.26 -4.86
C PRO A 325 28.10 2.01 -6.26
N GLU A 326 29.34 2.43 -6.46
CA GLU A 326 29.98 2.32 -7.77
C GLU A 326 29.88 0.92 -8.37
N ASP A 327 30.03 -0.10 -7.53
CA ASP A 327 29.97 -1.48 -8.01
C ASP A 327 28.57 -2.09 -7.94
N MET A 328 27.55 -1.27 -7.74
CA MET A 328 26.19 -1.76 -7.66
C MET A 328 25.26 -0.96 -8.54
N GLN A 329 25.80 -0.43 -9.63
CA GLN A 329 25.02 0.43 -10.50
C GLN A 329 24.42 -0.34 -11.67
N THR A 330 23.52 -1.26 -11.34
CA THR A 330 22.68 -1.92 -12.33
C THR A 330 21.53 -0.97 -12.62
N ALA A 331 21.01 -1.02 -13.84
CA ALA A 331 19.88 -0.18 -14.19
C ALA A 331 18.55 -0.87 -13.85
N GLU A 332 18.63 -2.13 -13.43
CA GLU A 332 17.43 -2.91 -13.10
C GLU A 332 16.74 -2.41 -11.85
N THR A 333 15.52 -1.90 -12.04
CA THR A 333 14.72 -1.30 -10.98
C THR A 333 14.56 -2.23 -9.79
N ALA A 334 14.30 -3.50 -10.08
CA ALA A 334 14.02 -4.46 -9.03
C ALA A 334 15.23 -4.60 -8.11
N MET A 335 16.43 -4.55 -8.68
CA MET A 335 17.67 -4.67 -7.91
C MET A 335 18.05 -3.38 -7.18
N LEU A 336 17.69 -2.24 -7.74
CA LEU A 336 17.93 -0.97 -7.08
C LEU A 336 17.00 -0.82 -5.86
N PHE A 337 15.76 -1.23 -6.00
CA PHE A 337 14.87 -1.27 -4.84
C PHE A 337 15.45 -2.16 -3.76
N LEU A 338 16.08 -3.28 -4.13
CA LEU A 338 16.67 -4.18 -3.13
C LEU A 338 17.73 -3.45 -2.31
N GLN A 339 18.57 -2.65 -2.97
CA GLN A 339 19.55 -1.83 -2.27
C GLN A 339 18.92 -0.78 -1.35
N LEU A 340 17.89 -0.09 -1.85
CA LEU A 340 17.17 0.88 -1.04
C LEU A 340 16.64 0.22 0.24
N ILE A 341 16.02 -0.93 0.08
CA ILE A 341 15.45 -1.65 1.22
C ILE A 341 16.53 -2.05 2.22
N MET A 342 17.63 -2.59 1.72
CA MET A 342 18.75 -2.93 2.59
C MET A 342 19.21 -1.69 3.37
N ARG A 343 19.32 -0.55 2.69
CA ARG A 343 19.85 0.66 3.32
C ARG A 343 18.96 1.14 4.44
N LYS A 344 17.66 0.95 4.28
CA LYS A 344 16.67 1.56 5.17
C LYS A 344 16.35 0.74 6.43
N LEU A 345 16.91 -0.45 6.54
CA LEU A 345 16.65 -1.26 7.74
C LEU A 345 17.47 -0.75 8.94
N LYS A 346 16.83 -0.60 10.09
CA LYS A 346 17.53 -0.19 11.29
C LYS A 346 18.71 -1.13 11.57
N ARG A 347 19.83 -0.57 12.00
CA ARG A 347 20.97 -1.40 12.40
C ARG A 347 20.71 -1.93 13.80
N PRO A 348 21.30 -3.08 14.15
CA PRO A 348 21.06 -3.59 15.50
C PRO A 348 21.66 -2.64 16.52
N GLY A 349 21.10 -2.60 17.72
CA GLY A 349 21.62 -1.74 18.77
C GLY A 349 21.04 -0.34 18.70
N HIS A 350 19.89 -0.20 18.04
CA HIS A 350 19.25 1.12 17.87
C HIS A 350 17.78 1.10 18.27
N GLY A 351 17.45 0.24 19.24
CA GLY A 351 16.09 0.11 19.73
C GLY A 351 15.66 -1.35 19.77
N SER A 352 16.40 -2.20 19.06
CA SER A 352 16.11 -3.62 18.98
C SER A 352 17.42 -4.38 18.75
N ASP A 353 17.41 -5.70 19.01
CA ASP A 353 18.61 -6.51 18.87
C ASP A 353 18.88 -6.95 17.43
N ASN A 354 17.83 -7.23 16.67
CA ASN A 354 18.01 -7.73 15.30
C ASN A 354 18.12 -6.64 14.26
N GLY A 355 17.94 -5.39 14.67
CA GLY A 355 17.85 -4.32 13.69
C GLY A 355 16.56 -4.54 12.92
N GLY A 356 16.42 -3.85 11.79
CA GLY A 356 15.18 -3.91 11.03
C GLY A 356 14.99 -5.22 10.28
N ARG A 357 13.76 -5.48 9.87
CA ARG A 357 13.47 -6.67 9.08
C ARG A 357 12.64 -6.30 7.86
N ALA A 358 12.82 -7.07 6.79
CA ALA A 358 12.16 -6.80 5.53
C ALA A 358 11.49 -8.04 4.98
N ALA A 359 10.38 -7.85 4.27
CA ALA A 359 9.74 -8.90 3.50
C ALA A 359 9.47 -8.33 2.12
N VAL A 360 10.03 -8.97 1.11
CA VAL A 360 10.14 -8.39 -0.23
C VAL A 360 9.74 -9.42 -1.28
N VAL A 361 8.84 -9.03 -2.17
CA VAL A 361 8.40 -9.91 -3.26
C VAL A 361 9.33 -9.64 -4.44
N VAL A 362 10.02 -10.68 -4.91
CA VAL A 362 10.95 -10.57 -6.03
C VAL A 362 10.68 -11.66 -7.09
N PRO A 363 11.04 -11.37 -8.34
CA PRO A 363 10.89 -12.38 -9.40
C PRO A 363 12.07 -13.35 -9.42
N ASN A 364 11.93 -14.47 -10.14
CA ASN A 364 13.02 -15.44 -10.24
C ASN A 364 14.33 -14.81 -10.66
N GLY A 365 14.22 -13.78 -11.50
CA GLY A 365 15.37 -13.09 -12.05
C GLY A 365 16.28 -12.53 -10.97
N THR A 366 15.67 -12.02 -9.91
CA THR A 366 16.43 -11.50 -8.78
C THR A 366 17.30 -12.62 -8.20
N LEU A 367 16.71 -13.80 -8.06
CA LEU A 367 17.40 -14.95 -7.50
C LEU A 367 18.55 -15.46 -8.38
N PHE A 368 18.30 -15.69 -9.68
CA PHE A 368 19.32 -16.29 -10.54
C PHE A 368 20.30 -15.30 -11.17
N SER A 369 19.99 -14.01 -11.08
CA SER A 369 20.79 -12.99 -11.75
C SER A 369 22.25 -13.01 -11.33
N ASP A 370 23.12 -12.55 -12.22
CA ASP A 370 24.56 -12.56 -11.99
C ASP A 370 25.14 -11.20 -12.30
N GLY A 371 26.46 -11.10 -12.39
CA GLY A 371 27.10 -9.82 -12.65
C GLY A 371 26.91 -8.86 -11.49
N ILE A 372 26.56 -7.61 -11.80
CA ILE A 372 26.33 -6.61 -10.76
C ILE A 372 25.32 -7.06 -9.71
N SER A 373 24.34 -7.84 -10.14
CA SER A 373 23.32 -8.35 -9.23
C SER A 373 23.95 -9.31 -8.20
N ALA A 374 24.93 -10.09 -8.63
CA ALA A 374 25.62 -11.01 -7.72
C ALA A 374 26.33 -10.24 -6.60
N ARG A 375 26.92 -9.10 -6.95
CA ARG A 375 27.59 -8.24 -5.99
C ARG A 375 26.59 -7.69 -4.97
N ILE A 376 25.41 -7.29 -5.45
CA ILE A 376 24.34 -6.82 -4.59
C ILE A 376 23.93 -7.92 -3.62
N LYS A 377 23.76 -9.13 -4.13
CA LYS A 377 23.36 -10.25 -3.29
C LYS A 377 24.44 -10.69 -2.31
N GLU A 378 25.70 -10.50 -2.69
CA GLU A 378 26.80 -10.83 -1.80
C GLU A 378 26.73 -9.91 -0.59
N GLU A 379 26.58 -8.62 -0.86
CA GLU A 379 26.43 -7.61 0.18
C GLU A 379 25.25 -7.96 1.08
N LEU A 380 24.13 -8.32 0.47
CA LEU A 380 22.97 -8.78 1.23
C LEU A 380 23.34 -9.93 2.17
N LEU A 381 23.92 -11.00 1.62
CA LEU A 381 24.23 -12.18 2.42
C LEU A 381 25.30 -11.95 3.49
N LYS A 382 26.23 -11.03 3.23
CA LYS A 382 27.31 -10.77 4.16
C LYS A 382 26.89 -9.87 5.33
N ASN A 383 25.87 -9.04 5.13
CA ASN A 383 25.55 -8.00 6.09
C ASN A 383 24.15 -8.06 6.67
N PHE A 384 23.34 -8.94 6.10
CA PHE A 384 21.98 -9.14 6.54
C PHE A 384 21.77 -10.65 6.68
N ASN A 385 20.75 -11.03 7.43
CA ASN A 385 20.38 -12.43 7.58
C ASN A 385 19.16 -12.78 6.73
N LEU A 386 19.41 -13.32 5.53
CA LEU A 386 18.33 -13.76 4.67
C LEU A 386 17.90 -15.14 5.14
N HIS A 387 16.98 -15.17 6.10
CA HIS A 387 16.73 -16.39 6.84
C HIS A 387 15.73 -17.32 6.15
N THR A 388 14.85 -16.73 5.34
CA THR A 388 13.79 -17.49 4.68
C THR A 388 13.50 -16.98 3.28
N ILE A 389 13.35 -17.91 2.33
CA ILE A 389 12.82 -17.58 1.01
C ILE A 389 11.64 -18.52 0.73
N VAL A 390 10.46 -17.93 0.52
CA VAL A 390 9.28 -18.72 0.19
C VAL A 390 9.05 -18.60 -1.31
N ARG A 391 9.02 -19.72 -2.00
CA ARG A 391 8.90 -19.71 -3.46
C ARG A 391 7.46 -20.02 -3.91
N LEU A 392 6.88 -19.15 -4.73
CA LEU A 392 5.46 -19.28 -5.10
C LEU A 392 5.24 -19.79 -6.53
N PRO A 393 4.09 -20.44 -6.78
CA PRO A 393 3.75 -20.96 -8.12
C PRO A 393 3.51 -19.84 -9.12
N GLU A 394 3.64 -20.16 -10.40
CA GLU A 394 3.24 -19.23 -11.46
C GLU A 394 1.76 -18.86 -11.32
N GLY A 395 1.37 -17.71 -11.86
CA GLY A 395 -0.02 -17.29 -11.87
C GLY A 395 -0.52 -16.52 -10.66
N VAL A 396 0.28 -16.47 -9.60
CA VAL A 396 -0.13 -15.78 -8.38
C VAL A 396 -0.55 -14.35 -8.64
N PHE A 397 0.10 -13.71 -9.61
CA PHE A 397 -0.21 -12.32 -9.92
C PHE A 397 -1.08 -12.14 -11.17
N ALA A 398 -1.76 -13.20 -11.59
CA ALA A 398 -2.65 -13.11 -12.74
C ALA A 398 -3.73 -12.07 -12.46
N PRO A 399 -4.14 -11.31 -13.49
CA PRO A 399 -3.73 -11.49 -14.89
C PRO A 399 -2.63 -10.53 -15.32
N TYR A 400 -2.00 -9.85 -14.38
CA TYR A 400 -0.99 -8.85 -14.72
C TYR A 400 0.28 -9.47 -15.24
N THR A 401 0.51 -10.73 -14.85
CA THR A 401 1.65 -11.51 -15.31
C THR A 401 1.57 -12.90 -14.70
N ASP A 402 2.05 -13.91 -15.42
CA ASP A 402 2.03 -15.29 -14.91
C ASP A 402 3.33 -15.65 -14.23
N ILE A 403 4.29 -14.73 -14.29
CA ILE A 403 5.62 -14.91 -13.71
C ILE A 403 5.51 -15.46 -12.28
N ALA A 404 6.46 -16.29 -11.88
CA ALA A 404 6.45 -16.80 -10.51
C ALA A 404 7.00 -15.73 -9.57
N GLY A 405 6.54 -15.73 -8.32
CA GLY A 405 7.05 -14.78 -7.36
C GLY A 405 7.77 -15.47 -6.22
N ASN A 406 8.65 -14.73 -5.54
CA ASN A 406 9.33 -15.27 -4.37
C ASN A 406 9.28 -14.22 -3.26
N LEU A 407 9.25 -14.66 -2.01
CA LEU A 407 9.23 -13.75 -0.88
C LEU A 407 10.54 -13.85 -0.12
N LEU A 408 11.32 -12.78 -0.11
CA LEU A 408 12.56 -12.75 0.67
C LEU A 408 12.23 -12.22 2.05
N PHE A 409 12.69 -12.93 3.08
CA PHE A 409 12.61 -12.43 4.45
C PHE A 409 14.02 -12.29 5.01
N PHE A 410 14.44 -11.05 5.29
CA PHE A 410 15.76 -10.83 5.88
C PHE A 410 15.72 -9.77 6.96
N ASP A 411 16.71 -9.80 7.85
CA ASP A 411 16.83 -8.75 8.87
C ASP A 411 18.28 -8.31 8.96
N ARG A 412 18.55 -7.31 9.79
CA ARG A 412 19.87 -6.68 9.83
C ARG A 412 20.71 -7.26 10.99
N SER A 413 20.35 -8.44 11.48
CA SER A 413 20.97 -8.93 12.71
C SER A 413 22.46 -9.25 12.54
N GLY A 414 22.83 -9.67 11.34
CA GLY A 414 24.18 -10.13 11.07
C GLY A 414 24.20 -10.91 9.77
N PRO A 415 25.36 -11.46 9.39
CA PRO A 415 25.51 -12.22 8.15
C PRO A 415 24.62 -13.46 8.06
N THR A 416 24.29 -13.84 6.84
CA THR A 416 23.50 -15.04 6.60
C THR A 416 24.35 -16.29 6.78
N ASP A 417 23.77 -17.32 7.38
CA ASP A 417 24.42 -18.63 7.44
C ASP A 417 23.51 -19.63 6.71
N ASP A 418 22.63 -20.30 7.43
CA ASP A 418 21.62 -21.16 6.79
C ASP A 418 20.43 -20.37 6.24
N ILE A 419 20.01 -20.71 5.03
CA ILE A 419 18.81 -20.12 4.44
C ILE A 419 17.75 -21.20 4.28
N TRP A 420 16.60 -21.03 4.92
CA TRP A 420 15.47 -21.92 4.71
C TRP A 420 14.72 -21.56 3.44
N TYR A 421 14.51 -22.55 2.57
CA TYR A 421 13.63 -22.39 1.42
C TYR A 421 12.33 -23.10 1.70
N TYR A 422 11.22 -22.50 1.29
CA TYR A 422 9.93 -23.16 1.45
C TYR A 422 9.16 -22.94 0.17
N GLN A 423 8.78 -24.04 -0.48
CA GLN A 423 8.06 -23.98 -1.74
C GLN A 423 6.60 -24.34 -1.54
N ILE A 424 5.75 -23.42 -1.96
CA ILE A 424 4.32 -23.70 -1.98
C ILE A 424 3.98 -24.18 -3.39
N THR A 425 3.22 -25.26 -3.48
CA THR A 425 2.82 -25.76 -4.79
C THR A 425 1.36 -25.47 -5.09
N VAL A 426 1.07 -25.20 -6.36
CA VAL A 426 -0.31 -24.97 -6.80
C VAL A 426 -1.11 -26.26 -6.59
N PRO A 427 -2.36 -26.14 -6.12
CA PRO A 427 -3.19 -27.29 -5.76
C PRO A 427 -3.29 -28.32 -6.90
N GLU A 428 -3.54 -29.58 -6.55
CA GLU A 428 -3.56 -30.69 -7.49
C GLU A 428 -4.32 -30.43 -8.80
N GLY A 429 -3.80 -30.98 -9.89
CA GLY A 429 -4.47 -30.91 -11.18
C GLY A 429 -4.36 -29.56 -11.87
N ARG A 430 -3.86 -28.56 -11.15
CA ARG A 430 -3.65 -27.24 -11.73
C ARG A 430 -2.16 -26.97 -11.88
N LYS A 431 -1.79 -26.17 -12.89
CA LYS A 431 -0.39 -25.83 -13.10
C LYS A 431 -0.06 -24.39 -12.75
N LYS A 432 -1.09 -23.56 -12.67
CA LYS A 432 -0.91 -22.16 -12.31
C LYS A 432 -2.23 -21.54 -11.83
N TYR A 433 -2.12 -20.53 -10.98
CA TYR A 433 -3.29 -19.81 -10.53
C TYR A 433 -3.79 -18.94 -11.68
N THR A 434 -5.07 -18.56 -11.63
CA THR A 434 -5.66 -17.70 -12.64
C THR A 434 -6.46 -16.58 -11.99
N LYS A 435 -6.80 -15.56 -12.77
CA LYS A 435 -7.59 -14.45 -12.25
C LYS A 435 -8.87 -14.93 -11.57
N THR A 436 -9.54 -15.89 -12.21
CA THR A 436 -10.81 -16.42 -11.70
C THR A 436 -10.58 -17.51 -10.66
N LYS A 437 -9.43 -18.15 -10.72
CA LYS A 437 -9.04 -19.13 -9.69
C LYS A 437 -7.69 -18.72 -9.08
N PRO A 438 -7.72 -17.77 -8.14
CA PRO A 438 -6.51 -17.20 -7.52
C PRO A 438 -6.02 -18.03 -6.33
N MET A 439 -4.82 -17.71 -5.85
CA MET A 439 -4.29 -18.34 -4.66
C MET A 439 -5.13 -17.93 -3.46
N GLU A 440 -5.29 -18.83 -2.49
CA GLU A 440 -6.11 -18.52 -1.33
C GLU A 440 -5.32 -18.64 -0.01
N SER A 441 -5.72 -17.84 0.98
CA SER A 441 -5.05 -17.80 2.27
C SER A 441 -4.82 -19.17 2.90
N HIS A 442 -5.78 -20.07 2.79
CA HIS A 442 -5.63 -21.38 3.43
C HIS A 442 -4.38 -22.11 2.94
N GLU A 443 -3.92 -21.75 1.75
CA GLU A 443 -2.75 -22.38 1.17
C GLU A 443 -1.45 -22.01 1.90
N PHE A 444 -1.48 -20.97 2.71
CA PHE A 444 -0.31 -20.57 3.50
C PHE A 444 -0.32 -21.19 4.89
N ASP A 445 -1.41 -21.83 5.27
CA ASP A 445 -1.53 -22.41 6.61
C ASP A 445 -0.40 -23.39 6.97
N GLU A 446 -0.04 -24.26 6.05
CA GLU A 446 1.03 -25.23 6.29
C GLU A 446 2.33 -24.50 6.58
N CYS A 447 2.57 -23.44 5.81
CA CYS A 447 3.81 -22.69 5.97
C CYS A 447 3.81 -21.92 7.30
N LEU A 448 2.68 -21.32 7.64
CA LEU A 448 2.54 -20.61 8.91
C LEU A 448 2.87 -21.48 10.10
N ASN A 449 2.36 -22.70 10.12
CA ASN A 449 2.60 -23.61 11.24
C ASN A 449 4.05 -24.06 11.29
N TRP A 450 4.63 -24.21 10.12
CA TRP A 450 6.00 -24.65 9.97
C TRP A 450 6.98 -23.55 10.40
N TRP A 451 6.56 -22.30 10.20
CA TRP A 451 7.43 -21.13 10.39
C TRP A 451 8.22 -21.14 11.71
N SER A 452 7.54 -21.45 12.80
CA SER A 452 8.20 -21.45 14.11
C SER A 452 8.52 -22.88 14.57
N ASN A 453 8.34 -23.83 13.66
CA ASN A 453 8.66 -25.23 13.92
C ASN A 453 9.35 -25.80 12.70
N ARG A 454 10.52 -25.27 12.36
CA ARG A 454 11.15 -25.58 11.08
C ARG A 454 11.86 -26.92 11.01
N ILE A 455 11.41 -27.78 10.11
CA ILE A 455 12.07 -29.04 9.81
C ILE A 455 12.09 -29.22 8.30
N VAL A 456 13.05 -29.98 7.79
CA VAL A 456 13.03 -30.29 6.36
C VAL A 456 11.89 -31.25 6.09
N ASN A 457 11.21 -31.04 4.97
CA ASN A 457 10.13 -31.92 4.55
C ASN A 457 9.98 -31.80 3.05
N GLN A 458 8.79 -32.10 2.53
CA GLN A 458 8.56 -32.10 1.10
C GLN A 458 8.58 -30.69 0.51
N ASN A 459 8.30 -29.69 1.35
CA ASN A 459 8.23 -28.31 0.89
C ASN A 459 9.42 -27.44 1.33
N ALA A 460 10.11 -27.86 2.38
CA ALA A 460 11.15 -27.03 3.00
C ALA A 460 12.52 -27.69 3.05
N TRP A 461 13.55 -26.94 2.66
CA TRP A 461 14.93 -27.43 2.76
C TRP A 461 15.89 -26.30 3.12
N LYS A 462 17.13 -26.66 3.47
CA LYS A 462 18.12 -25.65 3.84
C LYS A 462 19.24 -25.51 2.81
N GLU A 463 19.62 -24.27 2.53
CA GLU A 463 20.84 -24.00 1.77
C GLU A 463 21.80 -23.23 2.67
N SER A 464 23.04 -23.07 2.24
CA SER A 464 24.04 -22.43 3.09
C SER A 464 24.66 -21.26 2.33
N ALA A 465 24.75 -20.10 2.99
CA ALA A 465 25.33 -18.92 2.36
C ALA A 465 26.75 -19.18 1.88
N SER A 466 27.55 -19.88 2.69
CA SER A 466 28.95 -20.08 2.32
C SER A 466 29.08 -21.01 1.10
N GLU A 467 28.09 -21.85 0.88
CA GLU A 467 28.06 -22.68 -0.31
C GLU A 467 27.56 -21.88 -1.52
N ILE A 468 26.55 -21.04 -1.29
CA ILE A 468 25.94 -20.24 -2.35
C ILE A 468 26.89 -19.21 -2.96
N ILE A 469 27.61 -18.49 -2.10
CA ILE A 469 28.53 -17.47 -2.59
C ILE A 469 29.82 -18.11 -3.06
N LYS A 470 30.16 -17.89 -4.33
CA LYS A 470 31.33 -18.52 -4.91
C LYS A 470 32.37 -17.49 -5.33
N TYR A 471 33.62 -17.76 -4.95
CA TYR A 471 34.75 -16.92 -5.29
C TYR A 471 35.75 -17.70 -6.12
N SER A 472 36.43 -17.01 -7.03
CA SER A 472 37.57 -17.57 -7.75
C SER A 472 38.78 -17.59 -6.81
N GLU A 473 39.89 -18.15 -7.28
CA GLU A 473 41.10 -18.24 -6.45
C GLU A 473 41.67 -16.86 -6.14
N SER A 474 41.51 -15.93 -7.07
CA SER A 474 41.91 -14.53 -6.85
C SER A 474 41.04 -13.87 -5.79
N GLY A 475 39.93 -14.51 -5.45
CA GLY A 475 39.00 -13.95 -4.49
C GLY A 475 37.93 -13.10 -5.15
N GLN A 476 37.95 -13.08 -6.49
CA GLN A 476 36.91 -12.36 -7.24
C GLN A 476 35.58 -13.06 -7.08
N LEU A 477 34.50 -12.29 -6.97
CA LEU A 477 33.18 -12.86 -6.80
C LEU A 477 32.75 -13.47 -8.12
N ILE A 478 32.32 -14.73 -8.11
CA ILE A 478 31.94 -15.34 -9.37
C ILE A 478 30.44 -15.56 -9.51
N ASP A 479 29.74 -15.74 -8.41
CA ASP A 479 28.32 -16.05 -8.48
C ASP A 479 27.62 -16.01 -7.13
N VAL A 480 26.41 -15.48 -7.10
CA VAL A 480 25.53 -15.66 -5.96
C VAL A 480 24.14 -16.03 -6.47
N ASN A 481 23.94 -17.32 -6.70
CA ASN A 481 22.72 -17.81 -7.31
C ASN A 481 21.75 -18.36 -6.28
N LEU A 482 20.68 -17.61 -6.01
CA LEU A 482 19.69 -17.99 -5.01
C LEU A 482 18.50 -18.75 -5.62
N ASP A 483 18.53 -18.94 -6.94
CA ASP A 483 17.49 -19.72 -7.62
C ASP A 483 17.71 -21.20 -7.37
N ARG A 484 17.48 -21.63 -6.14
CA ARG A 484 17.68 -23.02 -5.74
C ARG A 484 16.39 -23.82 -5.83
N LYS A 485 16.49 -25.06 -6.31
CA LYS A 485 15.32 -25.89 -6.52
C LYS A 485 15.09 -26.87 -5.37
N ASN A 486 13.82 -27.17 -5.11
CA ASN A 486 13.44 -28.13 -4.10
C ASN A 486 14.04 -29.50 -4.41
N PRO A 487 14.95 -29.99 -3.54
CA PRO A 487 15.60 -31.27 -3.82
C PRO A 487 14.58 -32.42 -3.91
N ASN A 488 13.39 -32.22 -3.37
CA ASN A 488 12.33 -33.21 -3.43
C ASN A 488 11.50 -33.12 -4.71
N SER A 489 11.61 -32.00 -5.42
CA SER A 489 10.84 -31.79 -6.64
C SER A 489 11.32 -32.71 -7.77
N LEU A 490 10.49 -32.86 -8.79
CA LEU A 490 10.82 -33.78 -9.88
C LEU A 490 11.65 -33.10 -10.97
N GLU A 491 11.64 -31.77 -10.96
CA GLU A 491 12.55 -31.01 -11.82
C GLU A 491 14.00 -31.29 -11.43
N VAL A 492 14.20 -31.68 -10.17
CA VAL A 492 15.54 -32.05 -9.69
C VAL A 492 15.82 -33.53 -9.95
N LEU A 493 14.75 -34.29 -10.17
CA LEU A 493 14.85 -35.71 -10.51
C LEU A 493 15.36 -35.91 -11.93
N GLU A 494 14.48 -35.76 -12.91
CA GLU A 494 14.86 -35.95 -14.30
C GLU A 494 15.16 -34.63 -15.02
N HIS A 495 15.50 -33.61 -14.24
CA HIS A 495 15.92 -32.32 -14.80
C HIS A 495 14.85 -31.71 -15.70
#